data_1OME
#
_entry.id   1OME
#
_cell.length_a   76.000
_cell.length_b   55.000
_cell.length_c   79.200
_cell.angle_alpha   90.00
_cell.angle_beta   90.25
_cell.angle_gamma   90.00
#
_symmetry.space_group_name_H-M   'P 1 21 1'
#
loop_
_entity.id
_entity.type
_entity.pdbx_description
1 polymer BETA-LACTAMASE
2 non-polymer 'CHLORIDE ION'
3 water water
#
_entity_poly.entity_id   1
_entity_poly.type   'polypeptide(L)'
_entity_poly.pdbx_seq_one_letter_code
;MKELNDLEKKYNAHIGVYALDTKSGKEVKFNSDKRFAYASTSKAINSAILLEQVPYNKLNKKVHINKDDIVAYSPILEKY
VGKDITLKALIEASMTYSDNTANNKIIKEIGGIKKVKQRLKELGDKVTNPVRYEIELNYYSPKSKKDTSTPAAFGKTLNK
LIANGKLSKENKKFLLDLMLNNKSGDTLIKDGVPKDYKVADKSGQAITYASRNDVAFVYPKGQSEPIVLVIFTNKDNKSD
KPNDKLISETAKSVMKEF
;
_entity_poly.pdbx_strand_id   A,B
#
loop_
_chem_comp.id
_chem_comp.type
_chem_comp.name
_chem_comp.formula
CL non-polymer 'CHLORIDE ION' 'Cl -1'
#
# COMPACT_ATOMS: atom_id res chain seq x y z
N LYS A 2 -16.58 28.48 6.26
CA LYS A 2 -16.49 29.47 5.20
C LYS A 2 -17.65 29.19 4.25
N GLU A 3 -17.65 29.83 3.08
CA GLU A 3 -18.53 29.45 2.00
C GLU A 3 -17.58 28.57 1.19
N LEU A 4 -18.33 27.68 0.55
CA LEU A 4 -17.89 26.72 -0.43
C LEU A 4 -17.65 27.43 -1.74
N ASN A 5 -18.46 28.45 -2.01
CA ASN A 5 -18.27 29.30 -3.14
C ASN A 5 -16.93 29.95 -3.09
N ASP A 6 -16.53 30.30 -1.89
CA ASP A 6 -15.27 30.96 -1.69
C ASP A 6 -14.06 30.09 -1.67
N LEU A 7 -14.19 28.79 -1.30
CA LEU A 7 -13.06 27.83 -1.33
C LEU A 7 -12.68 27.48 -2.76
N GLU A 8 -13.70 27.46 -3.66
CA GLU A 8 -13.55 27.27 -5.11
C GLU A 8 -12.70 28.44 -5.53
N LYS A 9 -13.10 29.69 -5.19
CA LYS A 9 -12.37 30.96 -5.43
C LYS A 9 -10.96 30.93 -4.80
N LYS A 10 -10.83 30.50 -3.55
CA LYS A 10 -9.55 30.40 -2.87
C LYS A 10 -8.60 29.36 -3.50
N TYR A 11 -9.06 28.16 -3.88
CA TYR A 11 -8.13 27.16 -4.37
C TYR A 11 -8.24 26.94 -5.85
N ASN A 12 -9.02 27.80 -6.51
CA ASN A 12 -9.24 27.76 -7.95
C ASN A 12 -9.72 26.36 -8.40
N ALA A 13 -10.71 25.83 -7.67
CA ALA A 13 -11.23 24.48 -7.84
C ALA A 13 -12.71 24.37 -8.15
N HIS A 14 -13.19 23.18 -8.51
CA HIS A 14 -14.61 22.96 -8.70
C HIS A 14 -14.93 22.00 -7.60
N ILE A 15 -15.90 22.32 -6.77
CA ILE A 15 -16.30 21.44 -5.69
C ILE A 15 -17.71 20.87 -5.86
N GLY A 16 -17.91 19.53 -5.66
CA GLY A 16 -19.24 19.00 -5.60
C GLY A 16 -19.38 18.41 -4.22
N VAL A 17 -20.44 18.66 -3.43
CA VAL A 17 -20.58 18.06 -2.08
C VAL A 17 -22.03 17.81 -1.78
N TYR A 18 -22.23 16.66 -1.12
CA TYR A 18 -23.55 16.25 -0.64
C TYR A 18 -23.32 15.65 0.73
N ALA A 19 -24.12 16.16 1.70
CA ALA A 19 -24.11 15.61 3.06
C ALA A 19 -25.53 15.36 3.46
N LEU A 20 -25.73 14.26 4.21
CA LEU A 20 -27.03 13.79 4.65
C LEU A 20 -26.87 13.37 6.08
N ASP A 21 -27.61 13.99 6.99
CA ASP A 21 -27.62 13.53 8.38
C ASP A 21 -28.65 12.41 8.37
N THR A 22 -28.24 11.15 8.61
CA THR A 22 -29.21 10.08 8.48
C THR A 22 -30.11 10.06 9.73
N LYS A 23 -29.80 10.83 10.78
CA LYS A 23 -30.66 10.86 11.94
C LYS A 23 -31.89 11.79 11.77
N SER A 24 -31.69 12.94 11.13
CA SER A 24 -32.74 13.95 11.04
C SER A 24 -33.28 13.96 9.65
N GLY A 25 -32.43 13.74 8.65
CA GLY A 25 -32.77 13.66 7.25
C GLY A 25 -32.34 14.91 6.52
N LYS A 26 -31.55 15.72 7.28
CA LYS A 26 -31.09 17.04 6.84
C LYS A 26 -29.94 16.96 5.83
N GLU A 27 -30.10 17.68 4.72
CA GLU A 27 -29.09 17.67 3.67
C GLU A 27 -28.38 18.98 3.47
N VAL A 28 -27.09 18.92 3.22
CA VAL A 28 -26.30 20.01 2.70
C VAL A 28 -25.97 19.67 1.22
N LYS A 29 -26.27 20.57 0.29
CA LYS A 29 -25.88 20.35 -1.09
C LYS A 29 -25.04 21.49 -1.64
N PHE A 30 -23.98 21.25 -2.41
CA PHE A 30 -23.30 22.28 -3.17
C PHE A 30 -22.68 21.62 -4.41
N ASN A 31 -23.28 21.86 -5.57
CA ASN A 31 -22.93 21.29 -6.85
C ASN A 31 -23.19 19.77 -6.81
N SER A 32 -24.33 19.48 -6.18
CA SER A 32 -24.90 18.16 -5.95
C SER A 32 -25.21 17.33 -7.18
N ASP A 33 -25.83 18.01 -8.12
CA ASP A 33 -26.25 17.34 -9.32
C ASP A 33 -25.21 17.45 -10.42
N LYS A 34 -23.96 17.86 -10.10
CA LYS A 34 -22.90 17.93 -11.08
C LYS A 34 -22.11 16.63 -11.16
N ARG A 35 -21.86 16.19 -12.40
CA ARG A 35 -21.08 15.02 -12.73
C ARG A 35 -19.57 15.21 -12.74
N PHE A 36 -19.00 14.27 -12.00
CA PHE A 36 -17.59 14.10 -11.77
C PHE A 36 -17.21 12.66 -12.10
N ALA A 37 -16.04 12.51 -12.71
CA ALA A 37 -15.41 11.23 -12.94
C ALA A 37 -14.73 10.82 -11.65
N TYR A 38 -15.04 9.62 -11.21
CA TYR A 38 -14.50 9.13 -9.96
C TYR A 38 -13.63 7.89 -10.30
N ALA A 39 -12.95 7.38 -9.25
CA ALA A 39 -12.06 6.24 -9.34
C ALA A 39 -12.19 5.36 -8.09
N SER A 40 -11.22 5.40 -7.16
CA SER A 40 -11.19 4.48 -6.05
C SER A 40 -12.19 4.63 -4.97
N THR A 41 -12.92 5.76 -4.90
CA THR A 41 -14.01 5.85 -3.93
C THR A 41 -15.11 4.78 -4.23
N SER A 42 -15.26 4.36 -5.51
CA SER A 42 -16.16 3.25 -5.90
C SER A 42 -15.75 1.86 -5.40
N LYS A 43 -14.52 1.66 -4.87
CA LYS A 43 -14.15 0.36 -4.30
C LYS A 43 -15.02 0.08 -3.05
N ALA A 44 -15.58 1.07 -2.38
CA ALA A 44 -16.36 0.76 -1.19
C ALA A 44 -17.77 0.29 -1.52
N ILE A 45 -18.20 0.70 -2.73
CA ILE A 45 -19.50 0.31 -3.27
C ILE A 45 -19.47 -1.16 -3.68
N ASN A 46 -18.41 -1.52 -4.37
CA ASN A 46 -18.23 -2.87 -4.86
C ASN A 46 -17.96 -3.76 -3.65
N SER A 47 -17.18 -3.41 -2.61
CA SER A 47 -16.99 -4.19 -1.41
C SER A 47 -18.33 -4.41 -0.72
N ALA A 48 -19.20 -3.40 -0.67
CA ALA A 48 -20.49 -3.60 -0.05
C ALA A 48 -21.48 -4.46 -0.80
N ILE A 49 -21.42 -4.58 -2.11
CA ILE A 49 -22.34 -5.46 -2.86
C ILE A 49 -21.91 -6.93 -2.68
N LEU A 50 -20.60 -7.27 -2.59
CA LEU A 50 -20.13 -8.63 -2.28
C LEU A 50 -20.50 -8.99 -0.81
N LEU A 51 -20.33 -8.09 0.18
CA LEU A 51 -20.64 -8.45 1.52
C LEU A 51 -22.13 -8.63 1.68
N GLU A 52 -22.97 -8.19 0.74
CA GLU A 52 -24.41 -8.43 0.73
C GLU A 52 -24.82 -9.85 0.37
N GLN A 53 -23.91 -10.67 -0.13
CA GLN A 53 -24.21 -12.02 -0.54
C GLN A 53 -23.20 -13.00 0.00
N VAL A 54 -22.33 -12.61 0.92
CA VAL A 54 -21.37 -13.56 1.46
C VAL A 54 -21.36 -13.33 2.97
N PRO A 55 -21.84 -14.28 3.84
CA PRO A 55 -21.87 -14.12 5.27
C PRO A 55 -20.45 -14.03 5.76
N TYR A 56 -20.16 -13.23 6.77
CA TYR A 56 -18.84 -13.10 7.32
C TYR A 56 -18.05 -14.41 7.58
N ASN A 57 -18.65 -15.46 8.14
CA ASN A 57 -18.01 -16.76 8.34
C ASN A 57 -17.56 -17.39 7.01
N LYS A 58 -18.19 -16.98 5.90
CA LYS A 58 -17.83 -17.45 4.56
C LYS A 58 -16.79 -16.61 3.84
N LEU A 59 -16.24 -15.61 4.54
CA LEU A 59 -15.28 -14.72 3.91
C LEU A 59 -13.89 -15.31 3.74
N ASN A 60 -13.68 -16.46 4.41
CA ASN A 60 -12.44 -17.27 4.33
C ASN A 60 -12.24 -18.09 3.04
N LYS A 61 -13.25 -18.12 2.20
CA LYS A 61 -13.27 -18.74 0.90
C LYS A 61 -12.11 -18.20 0.08
N LYS A 62 -11.38 -19.06 -0.58
CA LYS A 62 -10.24 -18.62 -1.30
C LYS A 62 -10.38 -18.57 -2.81
N VAL A 63 -9.82 -17.59 -3.52
CA VAL A 63 -9.76 -17.50 -4.97
C VAL A 63 -8.27 -17.56 -5.35
N HIS A 64 -8.07 -18.19 -6.49
CA HIS A 64 -6.76 -18.39 -7.12
C HIS A 64 -6.37 -17.21 -7.98
N ILE A 65 -5.10 -16.80 -7.94
CA ILE A 65 -4.73 -15.62 -8.70
C ILE A 65 -3.81 -16.05 -9.80
N ASN A 66 -4.14 -15.62 -11.03
CA ASN A 66 -3.14 -15.79 -12.08
C ASN A 66 -2.67 -14.49 -12.67
N LYS A 67 -1.60 -14.62 -13.46
CA LYS A 67 -0.95 -13.53 -14.11
C LYS A 67 -1.88 -12.63 -14.91
N ASP A 68 -2.96 -13.23 -15.41
CA ASP A 68 -3.86 -12.48 -16.24
C ASP A 68 -4.85 -11.68 -15.44
N ASP A 69 -5.04 -11.98 -14.15
CA ASP A 69 -5.85 -11.10 -13.32
C ASP A 69 -5.11 -9.82 -12.94
N ILE A 70 -3.78 -9.83 -12.87
CA ILE A 70 -2.97 -8.69 -12.47
C ILE A 70 -3.03 -7.46 -13.39
N VAL A 71 -3.39 -6.33 -12.75
CA VAL A 71 -3.46 -5.02 -13.36
C VAL A 71 -2.55 -4.08 -12.54
N ALA A 72 -2.28 -2.91 -13.12
CA ALA A 72 -1.42 -1.90 -12.58
C ALA A 72 -1.94 -1.42 -11.26
N TYR A 73 -1.00 -1.12 -10.38
CA TYR A 73 -1.18 -0.68 -9.02
C TYR A 73 -2.03 -1.65 -8.22
N SER A 74 -1.29 -2.71 -7.90
CA SER A 74 -1.78 -3.89 -7.21
C SER A 74 -0.71 -4.19 -6.16
N PRO A 75 -0.55 -3.28 -5.18
CA PRO A 75 0.54 -3.26 -4.21
C PRO A 75 0.67 -4.59 -3.52
N ILE A 76 -0.50 -5.13 -3.05
CA ILE A 76 -0.55 -6.41 -2.40
C ILE A 76 -0.71 -7.68 -3.28
N LEU A 77 -1.65 -7.71 -4.24
CA LEU A 77 -1.95 -8.88 -5.04
C LEU A 77 -0.88 -9.30 -6.02
N GLU A 78 0.08 -8.44 -6.31
CA GLU A 78 1.16 -8.82 -7.24
C GLU A 78 2.05 -9.88 -6.59
N LYS A 79 2.00 -9.97 -5.24
CA LYS A 79 2.71 -11.00 -4.50
C LYS A 79 1.93 -12.30 -4.41
N TYR A 80 0.79 -12.40 -5.10
CA TYR A 80 -0.03 -13.59 -5.04
C TYR A 80 -0.21 -14.30 -6.35
N VAL A 81 0.49 -13.98 -7.45
CA VAL A 81 0.33 -14.82 -8.65
C VAL A 81 0.74 -16.27 -8.39
N GLY A 82 -0.15 -17.19 -8.76
CA GLY A 82 0.09 -18.61 -8.55
C GLY A 82 -0.26 -19.09 -7.14
N LYS A 83 -1.05 -18.24 -6.49
CA LYS A 83 -1.48 -18.43 -5.13
C LYS A 83 -2.93 -18.14 -4.97
N ASP A 84 -3.43 -18.63 -3.85
CA ASP A 84 -4.78 -18.31 -3.37
C ASP A 84 -4.72 -17.26 -2.26
N ILE A 85 -5.85 -16.56 -2.24
CA ILE A 85 -6.05 -15.53 -1.22
C ILE A 85 -7.53 -15.66 -0.82
N THR A 86 -7.92 -15.46 0.44
CA THR A 86 -9.34 -15.48 0.82
C THR A 86 -10.19 -14.26 0.40
N LEU A 87 -11.49 -14.19 0.67
CA LEU A 87 -12.28 -13.06 0.28
C LEU A 87 -12.17 -11.93 1.30
N LYS A 88 -11.98 -12.26 2.59
CA LYS A 88 -11.60 -11.28 3.60
C LYS A 88 -10.10 -11.12 3.33
N ALA A 89 -9.51 -10.20 2.60
CA ALA A 89 -8.06 -10.15 2.37
C ALA A 89 -8.03 -9.47 1.03
N LEU A 90 -8.85 -9.87 0.07
CA LEU A 90 -9.08 -9.11 -1.17
C LEU A 90 -9.76 -7.80 -0.87
N ILE A 91 -10.77 -7.80 -0.01
CA ILE A 91 -11.51 -6.62 0.41
C ILE A 91 -10.60 -5.69 1.21
N GLU A 92 -9.81 -6.16 2.18
CA GLU A 92 -8.84 -5.37 2.92
C GLU A 92 -7.75 -4.76 2.03
N ALA A 93 -7.21 -5.49 1.04
CA ALA A 93 -6.25 -4.98 0.08
C ALA A 93 -7.00 -3.93 -0.80
N SER A 94 -8.21 -4.12 -1.34
CA SER A 94 -8.93 -3.11 -2.08
C SER A 94 -9.22 -1.83 -1.25
N MET A 95 -9.72 -1.97 -0.03
CA MET A 95 -10.04 -0.84 0.83
C MET A 95 -8.84 -0.13 1.49
N THR A 96 -7.87 -0.83 2.09
CA THR A 96 -6.77 -0.23 2.79
C THR A 96 -5.72 0.28 1.86
N TYR A 97 -5.43 -0.40 0.75
CA TYR A 97 -4.29 -0.08 -0.13
C TYR A 97 -4.71 0.28 -1.50
N SER A 98 -6.02 0.30 -1.74
CA SER A 98 -6.59 0.65 -3.02
C SER A 98 -5.98 -0.22 -4.13
N ASP A 99 -5.90 -1.55 -3.92
CA ASP A 99 -5.30 -2.49 -4.89
C ASP A 99 -6.29 -2.75 -6.00
N ASN A 100 -5.82 -2.55 -7.25
CA ASN A 100 -6.68 -2.74 -8.41
C ASN A 100 -6.95 -4.20 -8.84
N THR A 101 -6.01 -5.17 -8.67
CA THR A 101 -6.34 -6.61 -8.88
C THR A 101 -7.39 -7.07 -7.84
N ALA A 102 -7.36 -6.61 -6.59
CA ALA A 102 -8.35 -7.00 -5.61
C ALA A 102 -9.69 -6.41 -5.98
N ASN A 103 -9.75 -5.29 -6.68
CA ASN A 103 -11.07 -4.72 -6.94
C ASN A 103 -11.77 -5.42 -8.07
N ASN A 104 -11.02 -5.62 -9.14
CA ASN A 104 -11.47 -6.40 -10.24
C ASN A 104 -11.87 -7.82 -9.83
N LYS A 105 -11.13 -8.53 -8.97
CA LYS A 105 -11.54 -9.85 -8.54
C LYS A 105 -12.82 -9.78 -7.70
N ILE A 106 -13.02 -8.77 -6.82
CA ILE A 106 -14.28 -8.60 -6.09
C ILE A 106 -15.44 -8.36 -7.08
N ILE A 107 -15.24 -7.63 -8.19
CA ILE A 107 -16.32 -7.37 -9.15
C ILE A 107 -16.72 -8.66 -9.89
N LYS A 108 -15.76 -9.53 -10.20
CA LYS A 108 -15.95 -10.79 -10.88
C LYS A 108 -16.73 -11.78 -9.98
N GLU A 109 -16.51 -11.71 -8.66
CA GLU A 109 -17.23 -12.48 -7.65
C GLU A 109 -18.70 -12.11 -7.59
N ILE A 110 -19.01 -10.84 -7.81
CA ILE A 110 -20.35 -10.28 -7.78
C ILE A 110 -21.03 -10.84 -9.02
N GLY A 111 -20.30 -10.96 -10.12
CA GLY A 111 -20.92 -11.42 -11.32
C GLY A 111 -20.67 -10.43 -12.44
N GLY A 112 -19.81 -9.44 -12.18
CA GLY A 112 -19.40 -8.52 -13.22
C GLY A 112 -20.08 -7.19 -13.12
N ILE A 113 -19.56 -6.26 -13.92
CA ILE A 113 -20.09 -4.91 -13.96
C ILE A 113 -21.58 -4.76 -14.23
N LYS A 114 -22.13 -5.75 -14.92
CA LYS A 114 -23.53 -5.77 -15.28
C LYS A 114 -24.35 -6.01 -14.05
N LYS A 115 -23.85 -6.82 -13.10
CA LYS A 115 -24.60 -6.96 -11.86
C LYS A 115 -24.33 -5.82 -10.90
N VAL A 116 -23.23 -5.05 -11.02
CA VAL A 116 -22.99 -3.86 -10.21
C VAL A 116 -24.00 -2.82 -10.72
N LYS A 117 -24.22 -2.69 -12.02
CA LYS A 117 -25.20 -1.78 -12.60
C LYS A 117 -26.63 -2.00 -12.14
N GLN A 118 -27.02 -3.28 -12.20
CA GLN A 118 -28.35 -3.77 -11.90
C GLN A 118 -28.65 -3.50 -10.49
N ARG A 119 -27.70 -3.74 -9.58
CA ARG A 119 -27.81 -3.46 -8.14
C ARG A 119 -28.03 -1.97 -7.76
N LEU A 120 -27.39 -1.04 -8.49
CA LEU A 120 -27.52 0.39 -8.32
C LEU A 120 -28.91 0.83 -8.74
N LYS A 121 -29.32 0.24 -9.86
CA LYS A 121 -30.62 0.51 -10.43
C LYS A 121 -31.73 0.18 -9.45
N GLU A 122 -31.52 -0.97 -8.83
CA GLU A 122 -32.38 -1.55 -7.82
C GLU A 122 -32.43 -0.69 -6.54
N LEU A 123 -31.29 -0.11 -6.14
CA LEU A 123 -31.24 0.82 -5.00
C LEU A 123 -31.80 2.22 -5.33
N GLY A 124 -32.27 2.46 -6.55
CA GLY A 124 -32.87 3.71 -6.92
C GLY A 124 -31.92 4.70 -7.56
N ASP A 125 -30.62 4.34 -7.67
CA ASP A 125 -29.67 5.21 -8.32
C ASP A 125 -29.72 5.00 -9.80
N LYS A 126 -30.23 5.97 -10.52
CA LYS A 126 -30.23 5.87 -11.96
C LYS A 126 -29.27 6.82 -12.62
N VAL A 127 -28.32 7.39 -11.87
CA VAL A 127 -27.37 8.39 -12.31
C VAL A 127 -25.97 7.87 -12.53
N THR A 128 -25.42 7.18 -11.50
CA THR A 128 -24.08 6.63 -11.49
C THR A 128 -23.82 5.69 -12.63
N ASN A 129 -22.75 5.79 -13.41
CA ASN A 129 -22.48 4.78 -14.41
C ASN A 129 -21.03 4.37 -14.17
N PRO A 130 -20.32 3.43 -14.82
CA PRO A 130 -18.91 3.14 -14.48
C PRO A 130 -17.94 4.30 -14.69
N ASP A 147 -18.43 5.38 -15.33
CA ASP A 147 -17.59 6.52 -15.62
C ASP A 147 -17.66 7.66 -14.64
N THR A 148 -18.81 8.32 -14.63
CA THR A 148 -19.10 9.43 -13.75
C THR A 148 -20.27 9.17 -12.79
N SER A 149 -20.46 10.05 -11.80
CA SER A 149 -21.64 10.08 -10.95
C SER A 149 -21.78 11.50 -10.44
N THR A 150 -22.83 11.77 -9.64
CA THR A 150 -22.98 13.04 -8.97
C THR A 150 -22.75 12.85 -7.47
N PRO A 151 -22.40 13.92 -6.71
CA PRO A 151 -22.34 13.89 -5.25
C PRO A 151 -23.63 13.38 -4.60
N ALA A 152 -24.79 13.79 -5.11
CA ALA A 152 -26.08 13.41 -4.58
C ALA A 152 -26.39 11.93 -4.81
N ALA A 153 -26.15 11.44 -6.05
CA ALA A 153 -26.35 9.98 -6.37
C ALA A 153 -25.41 9.05 -5.59
N PHE A 154 -24.12 9.32 -5.63
CA PHE A 154 -23.13 8.60 -4.85
C PHE A 154 -23.45 8.66 -3.40
N GLY A 155 -23.93 9.78 -2.84
CA GLY A 155 -24.27 9.84 -1.40
C GLY A 155 -25.47 9.03 -0.98
N LYS A 156 -26.56 9.01 -1.75
CA LYS A 156 -27.73 8.18 -1.49
C LYS A 156 -27.50 6.69 -1.65
N THR A 157 -26.55 6.32 -2.52
CA THR A 157 -26.13 4.97 -2.78
C THR A 157 -25.30 4.47 -1.61
N LEU A 158 -24.35 5.20 -1.01
CA LEU A 158 -23.61 4.73 0.13
C LEU A 158 -24.45 4.63 1.36
N ASN A 159 -25.49 5.46 1.39
CA ASN A 159 -26.43 5.40 2.50
C ASN A 159 -27.30 4.15 2.37
N LYS A 160 -27.99 3.95 1.25
CA LYS A 160 -28.78 2.76 1.03
C LYS A 160 -28.01 1.40 0.99
N LEU A 161 -26.72 1.29 0.65
CA LEU A 161 -25.94 0.07 0.65
C LEU A 161 -25.23 -0.21 1.95
N ILE A 162 -24.62 0.82 2.58
CA ILE A 162 -23.82 0.63 3.79
C ILE A 162 -24.52 1.20 5.04
N ALA A 163 -25.05 2.43 5.13
CA ALA A 163 -25.55 2.90 6.44
C ALA A 163 -26.97 2.47 6.72
N ASN A 164 -27.80 2.32 5.69
CA ASN A 164 -29.15 1.88 5.94
C ASN A 164 -29.50 0.79 4.95
N GLY A 165 -28.54 -0.14 4.89
CA GLY A 165 -28.61 -1.24 3.98
C GLY A 165 -29.12 -2.55 4.55
N LYS A 166 -28.74 -3.65 3.85
CA LYS A 166 -29.03 -5.03 4.19
C LYS A 166 -27.86 -5.86 4.69
N LEU A 167 -26.69 -5.28 5.03
CA LEU A 167 -25.53 -6.06 5.45
C LEU A 167 -25.78 -6.68 6.81
N SER A 168 -25.15 -7.83 7.16
CA SER A 168 -25.25 -8.35 8.51
C SER A 168 -24.57 -7.40 9.47
N LYS A 169 -24.77 -7.45 10.81
CA LYS A 169 -23.97 -6.61 11.71
C LYS A 169 -22.48 -6.80 11.54
N GLU A 170 -22.06 -8.02 11.28
CA GLU A 170 -20.71 -8.52 11.17
C GLU A 170 -19.87 -7.88 10.07
N ASN A 171 -20.53 -7.88 8.92
CA ASN A 171 -20.05 -7.36 7.69
C ASN A 171 -20.08 -5.84 7.59
N LYS A 172 -21.01 -5.19 8.29
CA LYS A 172 -21.04 -3.73 8.32
C LYS A 172 -19.96 -3.23 9.25
N LYS A 173 -19.59 -3.93 10.32
CA LYS A 173 -18.47 -3.47 11.15
C LYS A 173 -17.18 -3.94 10.54
N PHE A 174 -17.15 -4.95 9.66
CA PHE A 174 -15.91 -5.41 9.05
C PHE A 174 -15.56 -4.31 8.02
N LEU A 175 -16.47 -3.97 7.13
CA LEU A 175 -16.26 -2.89 6.23
C LEU A 175 -15.95 -1.52 6.85
N LEU A 176 -16.62 -1.01 7.86
CA LEU A 176 -16.34 0.30 8.42
C LEU A 176 -15.05 0.33 9.18
N ASP A 177 -14.58 -0.78 9.77
CA ASP A 177 -13.29 -0.80 10.46
C ASP A 177 -12.16 -0.58 9.53
N LEU A 178 -12.31 -1.05 8.30
CA LEU A 178 -11.29 -0.79 7.28
C LEU A 178 -11.25 0.69 6.92
N MET A 179 -12.39 1.34 6.73
CA MET A 179 -12.49 2.75 6.40
C MET A 179 -12.11 3.69 7.55
N LEU A 180 -12.34 3.23 8.80
CA LEU A 180 -12.03 3.94 9.97
C LEU A 180 -10.54 3.93 10.17
N ASN A 181 -9.81 2.80 9.92
CA ASN A 181 -8.35 2.72 10.15
C ASN A 181 -7.50 2.85 8.88
N ASN A 182 -8.01 3.71 8.00
CA ASN A 182 -7.44 4.00 6.70
C ASN A 182 -6.50 5.19 6.76
N LYS A 183 -5.20 4.90 6.62
CA LYS A 183 -4.20 5.95 6.78
C LYS A 183 -3.93 6.80 5.56
N SER A 184 -4.66 6.53 4.48
CA SER A 184 -4.51 7.37 3.31
C SER A 184 -5.53 8.52 3.19
N GLY A 185 -6.55 8.52 4.07
CA GLY A 185 -7.55 9.58 4.15
C GLY A 185 -7.26 10.55 5.28
N ASP A 186 -6.05 10.59 5.79
CA ASP A 186 -5.74 11.45 6.91
C ASP A 186 -5.77 12.95 6.67
N THR A 187 -5.26 13.39 5.52
CA THR A 187 -5.18 14.79 5.11
C THR A 187 -6.46 15.36 4.47
N LEU A 188 -7.57 14.60 4.54
CA LEU A 188 -8.80 14.94 3.85
C LEU A 188 -9.94 15.16 4.90
N ILE A 189 -11.15 14.57 4.82
CA ILE A 189 -12.25 14.80 5.78
C ILE A 189 -11.87 14.67 7.26
N LYS A 190 -11.03 13.64 7.56
CA LYS A 190 -10.63 13.30 8.92
C LYS A 190 -9.88 14.40 9.61
N ASP A 191 -9.27 15.26 8.80
CA ASP A 191 -8.49 16.39 9.22
C ASP A 191 -9.33 17.68 9.37
N GLY A 192 -10.54 17.81 8.80
CA GLY A 192 -11.34 19.00 8.91
C GLY A 192 -12.46 18.94 9.97
N VAL A 193 -12.86 17.76 10.52
CA VAL A 193 -13.96 17.71 11.47
C VAL A 193 -13.43 17.99 12.87
N PRO A 194 -14.33 18.16 13.86
CA PRO A 194 -14.03 18.13 15.30
C PRO A 194 -13.22 17.00 15.86
N LYS A 195 -12.67 17.21 17.04
CA LYS A 195 -11.78 16.22 17.63
C LYS A 195 -12.35 14.85 18.02
N ASP A 196 -13.64 14.90 18.38
CA ASP A 196 -14.35 13.70 18.78
C ASP A 196 -15.45 13.18 17.83
N TYR A 197 -15.28 13.59 16.57
CA TYR A 197 -16.04 13.07 15.44
C TYR A 197 -15.19 11.89 14.93
N LYS A 198 -15.81 10.73 14.79
CA LYS A 198 -15.19 9.51 14.29
C LYS A 198 -15.35 9.57 12.76
N VAL A 199 -14.36 9.39 11.88
CA VAL A 199 -14.56 9.44 10.41
C VAL A 199 -14.09 8.14 9.74
N ALA A 200 -15.00 7.59 8.98
CA ALA A 200 -14.74 6.37 8.25
C ALA A 200 -14.78 6.70 6.74
N ASP A 201 -13.65 6.72 6.04
CA ASP A 201 -13.60 7.16 4.62
C ASP A 201 -12.91 6.27 3.60
N LYS A 202 -13.13 6.62 2.35
CA LYS A 202 -12.38 6.06 1.27
C LYS A 202 -12.01 7.21 0.34
N SER A 203 -10.70 7.42 0.13
CA SER A 203 -10.13 8.39 -0.83
C SER A 203 -10.05 7.94 -2.28
N GLY A 204 -9.70 8.87 -3.17
CA GLY A 204 -9.59 8.61 -4.60
C GLY A 204 -8.94 9.78 -5.33
N GLN A 205 -8.22 9.49 -6.37
CA GLN A 205 -7.56 10.53 -7.10
C GLN A 205 -7.25 9.97 -8.47
N ALA A 206 -7.61 10.72 -9.50
CA ALA A 206 -7.30 10.37 -10.87
C ALA A 206 -5.81 10.32 -11.07
N ILE A 207 -5.45 9.67 -12.18
CA ILE A 207 -4.08 9.41 -12.60
C ILE A 207 -3.53 10.52 -13.47
N THR A 208 -4.39 10.94 -14.37
CA THR A 208 -4.01 11.74 -15.53
C THR A 208 -4.24 13.27 -15.37
N TYR A 209 -5.10 13.62 -14.41
CA TYR A 209 -5.29 15.02 -14.15
C TYR A 209 -5.57 15.19 -12.66
N ALA A 210 -5.57 16.50 -12.31
CA ALA A 210 -5.72 16.95 -10.96
C ALA A 210 -7.13 16.71 -10.47
N SER A 211 -7.30 15.80 -9.52
CA SER A 211 -8.62 15.44 -9.02
C SER A 211 -8.41 14.72 -7.72
N ARG A 212 -9.29 15.01 -6.78
CA ARG A 212 -9.16 14.51 -5.44
C ARG A 212 -10.54 14.31 -4.82
N ASN A 213 -10.85 13.08 -4.37
CA ASN A 213 -12.16 12.78 -3.82
C ASN A 213 -12.08 12.04 -2.50
N ASP A 214 -13.15 12.22 -1.73
CA ASP A 214 -13.30 11.56 -0.46
C ASP A 214 -14.77 11.35 -0.18
N VAL A 215 -15.20 10.13 0.11
CA VAL A 215 -16.55 9.85 0.62
C VAL A 215 -16.39 9.40 2.05
N ALA A 216 -17.32 9.68 2.98
CA ALA A 216 -17.18 9.32 4.40
C ALA A 216 -18.51 9.13 5.20
N PHE A 217 -18.35 8.53 6.37
CA PHE A 217 -19.39 8.22 7.33
C PHE A 217 -18.79 8.79 8.57
N VAL A 218 -19.31 9.95 8.94
CA VAL A 218 -18.88 10.78 10.03
C VAL A 218 -19.84 10.52 11.16
N TYR A 219 -19.21 10.30 12.31
CA TYR A 219 -19.97 10.00 13.53
C TYR A 219 -19.66 11.10 14.56
N PRO A 220 -20.62 12.06 14.69
CA PRO A 220 -20.62 13.11 15.69
C PRO A 220 -20.68 12.52 17.10
N LYS A 221 -20.02 13.17 18.06
CA LYS A 221 -20.00 12.67 19.43
C LYS A 221 -21.44 12.64 19.96
N GLY A 222 -21.77 11.43 20.44
CA GLY A 222 -23.10 11.20 20.98
C GLY A 222 -24.07 10.65 19.97
N GLN A 223 -23.89 10.74 18.63
CA GLN A 223 -24.85 10.01 17.82
C GLN A 223 -24.27 8.95 16.90
N SER A 224 -24.96 7.81 17.03
CA SER A 224 -24.62 6.60 16.31
C SER A 224 -25.11 6.50 14.88
N GLU A 225 -25.91 7.49 14.52
CA GLU A 225 -26.34 7.62 13.17
C GLU A 225 -25.24 8.52 12.59
N PRO A 226 -24.70 8.17 11.44
CA PRO A 226 -23.69 8.96 10.75
C PRO A 226 -24.27 9.98 9.81
N ILE A 227 -23.42 10.98 9.56
CA ILE A 227 -23.66 11.89 8.43
C ILE A 227 -22.89 11.25 7.31
N VAL A 228 -23.49 11.07 6.14
CA VAL A 228 -22.83 10.59 4.95
C VAL A 228 -22.25 11.81 4.25
N LEU A 229 -20.95 11.95 4.07
CA LEU A 229 -20.35 13.07 3.35
C LEU A 229 -19.68 12.72 2.05
N VAL A 230 -20.07 13.28 0.91
CA VAL A 230 -19.43 13.02 -0.38
C VAL A 230 -18.81 14.35 -0.83
N ILE A 231 -17.52 14.37 -1.14
CA ILE A 231 -16.85 15.56 -1.66
C ILE A 231 -16.05 15.15 -2.91
N PHE A 232 -16.49 15.68 -4.03
CA PHE A 232 -15.78 15.49 -5.27
C PHE A 232 -15.02 16.77 -5.65
N THR A 233 -13.72 16.81 -6.04
CA THR A 233 -13.15 18.09 -6.46
C THR A 233 -12.15 17.98 -7.63
N ASN A 234 -12.06 18.96 -8.53
CA ASN A 234 -10.96 19.01 -9.50
C ASN A 234 -10.45 20.44 -9.71
N LYS A 235 -9.14 20.58 -9.80
CA LYS A 235 -8.57 21.90 -10.00
C LYS A 235 -9.04 22.39 -11.34
N ASP A 236 -9.28 23.71 -11.40
CA ASP A 236 -9.73 24.25 -12.66
C ASP A 236 -8.57 24.13 -13.65
N ASN A 237 -7.30 24.19 -13.26
CA ASN A 237 -6.24 23.88 -14.22
C ASN A 237 -5.85 22.48 -13.83
N LYS A 238 -6.11 21.57 -14.77
CA LYS A 238 -5.86 20.15 -14.62
C LYS A 238 -4.38 19.77 -14.47
N SER A 239 -3.51 20.58 -15.04
CA SER A 239 -2.06 20.49 -14.88
C SER A 239 -1.61 20.83 -13.44
N ASP A 240 -2.42 21.43 -12.57
CA ASP A 240 -2.09 21.74 -11.16
C ASP A 240 -2.00 20.56 -10.21
N LYS A 241 -1.09 20.66 -9.24
CA LYS A 241 -0.94 19.64 -8.22
C LYS A 241 -2.15 19.76 -7.27
N PRO A 242 -2.88 18.69 -6.93
CA PRO A 242 -3.98 18.80 -5.99
C PRO A 242 -3.49 19.17 -4.60
N ASN A 243 -4.42 19.81 -3.86
CA ASN A 243 -4.17 20.32 -2.52
C ASN A 243 -5.23 19.74 -1.60
N ASP A 244 -4.71 18.92 -0.67
CA ASP A 244 -5.54 18.19 0.30
C ASP A 244 -6.33 19.07 1.29
N LYS A 245 -5.70 20.24 1.57
CA LYS A 245 -6.31 21.35 2.33
C LYS A 245 -7.71 21.77 1.87
N LEU A 246 -7.94 21.82 0.55
CA LEU A 246 -9.27 22.07 0.07
C LEU A 246 -10.34 21.14 0.64
N ILE A 247 -10.09 19.81 0.73
CA ILE A 247 -11.07 18.84 1.18
C ILE A 247 -11.30 19.01 2.69
N SER A 248 -10.15 19.20 3.37
CA SER A 248 -10.13 19.47 4.80
C SER A 248 -10.97 20.68 5.21
N GLU A 249 -10.80 21.82 4.51
CA GLU A 249 -11.54 23.05 4.76
C GLU A 249 -13.00 23.01 4.29
N THR A 250 -13.31 22.19 3.28
CA THR A 250 -14.70 21.99 2.82
C THR A 250 -15.50 21.23 3.86
N ALA A 251 -14.78 20.31 4.49
CA ALA A 251 -15.36 19.38 5.44
C ALA A 251 -15.74 20.10 6.73
N LYS A 252 -14.81 20.98 7.12
CA LYS A 252 -14.93 21.89 8.26
C LYS A 252 -16.14 22.81 8.09
N SER A 253 -16.31 23.55 7.01
CA SER A 253 -17.51 24.34 6.72
C SER A 253 -18.81 23.55 6.75
N VAL A 254 -18.80 22.35 6.09
CA VAL A 254 -20.03 21.60 5.90
C VAL A 254 -20.43 21.07 7.22
N MET A 255 -19.47 20.66 8.03
CA MET A 255 -19.86 20.15 9.32
C MET A 255 -20.47 21.27 10.12
N LYS A 256 -20.09 22.55 9.98
CA LYS A 256 -20.76 23.59 10.78
C LYS A 256 -22.28 23.73 10.56
N GLU A 257 -22.76 23.11 9.48
CA GLU A 257 -24.17 23.09 9.17
C GLU A 257 -24.96 21.98 9.84
N PHE A 258 -24.37 21.19 10.75
CA PHE A 258 -25.08 20.10 11.44
C PHE A 258 -25.08 20.13 12.96
N GLU B 3 12.77 19.46 5.18
CA GLU B 3 12.97 18.15 5.76
C GLU B 3 11.77 17.21 5.50
N LEU B 4 11.50 16.20 6.32
CA LEU B 4 10.52 15.17 5.96
C LEU B 4 9.02 15.43 5.84
N ASN B 5 8.40 16.34 6.62
CA ASN B 5 6.99 16.66 6.40
C ASN B 5 6.82 17.65 5.27
N ASP B 6 7.91 18.33 4.90
CA ASP B 6 7.95 19.27 3.79
C ASP B 6 8.10 18.51 2.50
N LEU B 7 8.65 17.27 2.63
CA LEU B 7 8.80 16.34 1.52
C LEU B 7 7.50 15.61 1.23
N GLU B 8 6.70 15.37 2.29
CA GLU B 8 5.31 14.93 2.13
C GLU B 8 4.60 15.95 1.25
N LYS B 9 4.62 17.25 1.64
CA LYS B 9 4.00 18.34 0.90
C LYS B 9 4.54 18.45 -0.51
N LYS B 10 5.87 18.49 -0.61
CA LYS B 10 6.53 18.70 -1.89
C LYS B 10 6.13 17.72 -2.97
N TYR B 11 6.02 16.44 -2.56
CA TYR B 11 5.75 15.34 -3.49
C TYR B 11 4.33 14.78 -3.49
N ASN B 12 3.65 15.05 -2.36
CA ASN B 12 2.31 14.55 -2.01
C ASN B 12 2.26 13.03 -1.72
N ALA B 13 3.33 12.62 -1.09
CA ALA B 13 3.55 11.24 -0.79
C ALA B 13 3.60 11.10 0.73
N HIS B 14 3.58 9.85 1.17
CA HIS B 14 3.76 9.57 2.58
C HIS B 14 5.13 8.91 2.64
N ILE B 15 5.85 9.13 3.73
CA ILE B 15 7.21 8.65 3.87
C ILE B 15 7.27 8.01 5.24
N GLY B 16 7.87 6.83 5.27
CA GLY B 16 8.13 6.11 6.48
C GLY B 16 9.63 5.93 6.53
N VAL B 17 10.35 6.37 7.58
CA VAL B 17 11.78 6.17 7.66
C VAL B 17 12.05 5.67 9.06
N TYR B 18 13.15 4.90 9.00
CA TYR B 18 13.79 4.34 10.18
C TYR B 18 15.20 4.13 9.69
N ALA B 19 16.10 4.80 10.40
CA ALA B 19 17.53 4.70 10.20
C ALA B 19 18.13 4.38 11.57
N LEU B 20 19.15 3.50 11.62
CA LEU B 20 19.76 3.14 12.89
C LEU B 20 21.25 3.07 12.73
N ASP B 21 21.97 3.96 13.43
CA ASP B 21 23.41 3.77 13.44
C ASP B 21 23.63 2.67 14.43
N THR B 22 24.28 1.59 13.94
CA THR B 22 24.61 0.47 14.82
C THR B 22 25.90 0.80 15.59
N LYS B 23 26.86 1.59 15.13
CA LYS B 23 27.94 2.02 16.03
C LYS B 23 27.48 2.73 17.33
N SER B 24 26.44 3.55 17.35
CA SER B 24 26.13 4.32 18.55
C SER B 24 24.78 4.08 19.17
N GLY B 25 23.93 3.44 18.37
CA GLY B 25 22.59 3.14 18.76
C GLY B 25 21.63 4.25 18.37
N LYS B 26 22.08 5.27 17.62
CA LYS B 26 21.27 6.41 17.27
C LYS B 26 20.17 6.16 16.24
N GLU B 27 18.95 6.58 16.54
CA GLU B 27 17.86 6.41 15.58
C GLU B 27 17.23 7.71 15.04
N VAL B 28 16.87 7.66 13.75
CA VAL B 28 16.12 8.72 13.05
C VAL B 28 14.77 8.07 12.70
N LYS B 29 13.67 8.59 13.12
CA LYS B 29 12.38 8.00 12.76
C LYS B 29 11.53 8.92 11.86
N PHE B 30 10.25 8.64 11.57
CA PHE B 30 9.31 9.46 10.78
C PHE B 30 8.30 8.49 10.22
N ASN B 31 7.13 8.42 10.85
CA ASN B 31 6.09 7.47 10.50
C ASN B 31 6.57 6.01 10.60
N SER B 32 7.40 5.74 11.62
CA SER B 32 8.09 4.47 11.84
C SER B 32 7.25 3.28 12.18
N ASP B 33 6.08 3.64 12.68
CA ASP B 33 5.12 2.67 13.15
C ASP B 33 3.87 2.61 12.30
N LYS B 34 4.05 3.09 11.05
CA LYS B 34 3.04 3.03 10.01
C LYS B 34 3.38 1.94 8.95
N ARG B 35 2.32 1.28 8.48
CA ARG B 35 2.41 0.15 7.58
C ARG B 35 2.38 0.47 6.12
N PHE B 36 3.42 -0.05 5.49
CA PHE B 36 3.56 0.02 4.07
C PHE B 36 3.73 -1.37 3.46
N ALA B 37 3.27 -1.49 2.21
CA ALA B 37 3.47 -2.61 1.30
C ALA B 37 4.87 -2.45 0.70
N TYR B 38 5.84 -3.28 1.07
CA TYR B 38 7.25 -3.11 0.72
C TYR B 38 7.84 -3.84 -0.44
N ALA B 39 7.03 -4.63 -1.14
CA ALA B 39 7.46 -5.37 -2.32
C ALA B 39 8.60 -6.39 -2.22
N SER B 40 9.61 -6.36 -3.08
CA SER B 40 10.65 -7.39 -3.07
C SER B 40 11.76 -7.16 -2.08
N THR B 41 11.67 -6.22 -1.13
CA THR B 41 12.73 -6.08 -0.15
C THR B 41 12.65 -7.23 0.88
N SER B 42 11.51 -7.92 0.97
CA SER B 42 11.41 -9.13 1.80
C SER B 42 12.36 -10.24 1.32
N LYS B 43 12.64 -10.31 0.01
CA LYS B 43 13.62 -11.22 -0.59
C LYS B 43 14.98 -11.12 0.09
N ALA B 44 15.37 -10.05 0.76
CA ALA B 44 16.63 -9.99 1.46
C ALA B 44 16.53 -10.79 2.75
N ILE B 45 15.34 -10.89 3.37
CA ILE B 45 15.12 -11.60 4.64
C ILE B 45 15.20 -13.10 4.41
N ASN B 46 14.38 -13.59 3.45
CA ASN B 46 14.20 -14.97 3.05
C ASN B 46 15.53 -15.52 2.59
N SER B 47 16.36 -14.81 1.81
CA SER B 47 17.70 -15.24 1.49
C SER B 47 18.68 -15.34 2.67
N ALA B 48 18.65 -14.44 3.64
CA ALA B 48 19.49 -14.56 4.84
C ALA B 48 19.03 -15.67 5.82
N ILE B 49 17.77 -16.05 5.88
CA ILE B 49 17.35 -17.09 6.81
C ILE B 49 17.79 -18.45 6.27
N LEU B 50 17.74 -18.69 4.94
CA LEU B 50 18.35 -19.88 4.33
C LEU B 50 19.87 -19.84 4.48
N LEU B 51 20.56 -18.70 4.51
CA LEU B 51 22.01 -18.69 4.64
C LEU B 51 22.56 -18.94 6.05
N GLU B 52 21.62 -18.90 7.02
CA GLU B 52 21.79 -19.31 8.42
C GLU B 52 21.85 -20.83 8.64
N GLN B 53 21.34 -21.59 7.67
CA GLN B 53 21.14 -23.00 7.85
C GLN B 53 21.94 -23.80 6.85
N VAL B 54 22.50 -23.13 5.85
CA VAL B 54 23.26 -23.81 4.85
C VAL B 54 24.60 -23.11 4.89
N PRO B 55 25.70 -23.83 5.06
CA PRO B 55 27.06 -23.28 5.01
C PRO B 55 27.44 -22.87 3.59
N TYR B 56 28.34 -21.89 3.48
CA TYR B 56 28.75 -21.40 2.17
C TYR B 56 29.31 -22.50 1.26
N ASN B 57 29.96 -23.49 1.87
CA ASN B 57 30.48 -24.61 1.10
C ASN B 57 29.33 -25.51 0.64
N LYS B 58 28.27 -25.75 1.43
CA LYS B 58 27.11 -26.48 0.93
C LYS B 58 26.14 -25.72 0.00
N LEU B 59 26.54 -24.64 -0.69
CA LEU B 59 25.63 -23.89 -1.56
C LEU B 59 25.57 -24.43 -2.98
N ASN B 60 26.30 -25.51 -3.17
CA ASN B 60 26.37 -26.16 -4.46
C ASN B 60 25.39 -27.30 -4.62
N LYS B 61 24.50 -27.44 -3.66
CA LYS B 61 23.36 -28.32 -3.69
C LYS B 61 22.44 -27.81 -4.76
N LYS B 62 22.03 -28.79 -5.54
CA LYS B 62 21.10 -28.58 -6.60
C LYS B 62 19.69 -28.83 -6.11
N VAL B 63 18.80 -28.10 -6.76
CA VAL B 63 17.38 -28.22 -6.53
C VAL B 63 16.84 -28.61 -7.89
N HIS B 64 15.73 -29.30 -8.08
CA HIS B 64 15.20 -29.58 -9.41
C HIS B 64 13.99 -28.66 -9.64
N ILE B 65 14.01 -28.08 -10.83
CA ILE B 65 12.96 -27.16 -11.17
C ILE B 65 12.04 -27.83 -12.17
N ASN B 66 10.75 -27.86 -11.87
CA ASN B 66 9.85 -28.37 -12.87
C ASN B 66 8.79 -27.38 -13.28
N LYS B 67 8.01 -27.70 -14.31
CA LYS B 67 7.11 -26.73 -14.90
C LYS B 67 6.13 -26.09 -13.95
N ASP B 68 5.52 -26.88 -13.07
CA ASP B 68 4.58 -26.34 -12.12
C ASP B 68 5.22 -25.41 -11.12
N ASP B 69 6.52 -25.55 -10.85
CA ASP B 69 7.21 -24.62 -9.96
C ASP B 69 7.28 -23.16 -10.42
N ILE B 70 7.13 -22.88 -11.73
CA ILE B 70 7.32 -21.53 -12.23
C ILE B 70 6.16 -20.60 -12.15
N VAL B 71 6.42 -19.45 -11.50
CA VAL B 71 5.39 -18.41 -11.44
C VAL B 71 5.83 -17.20 -12.21
N ALA B 72 4.84 -16.34 -12.53
CA ALA B 72 5.11 -15.08 -13.21
C ALA B 72 6.25 -14.22 -12.63
N TYR B 73 6.94 -13.43 -13.47
CA TYR B 73 8.00 -12.48 -13.07
C TYR B 73 9.23 -13.15 -12.44
N SER B 74 9.58 -14.28 -13.07
CA SER B 74 10.79 -15.08 -12.86
C SER B 74 11.77 -15.00 -14.07
N PRO B 75 12.65 -13.98 -14.30
CA PRO B 75 13.38 -13.88 -15.56
C PRO B 75 14.50 -14.90 -15.82
N ILE B 76 15.03 -15.43 -14.75
CA ILE B 76 16.10 -16.38 -14.79
C ILE B 76 15.45 -17.77 -14.75
N LEU B 77 14.61 -18.09 -13.73
CA LEU B 77 14.13 -19.45 -13.53
C LEU B 77 13.09 -19.92 -14.53
N GLU B 78 12.53 -19.09 -15.42
CA GLU B 78 11.69 -19.61 -16.50
C GLU B 78 12.51 -20.43 -17.54
N LYS B 79 13.82 -20.32 -17.49
CA LYS B 79 14.71 -21.05 -18.40
C LYS B 79 15.22 -22.36 -17.75
N TYR B 80 14.74 -22.71 -16.54
CA TYR B 80 15.14 -23.92 -15.85
C TYR B 80 14.04 -24.99 -15.80
N VAL B 81 12.93 -24.99 -16.54
CA VAL B 81 11.97 -26.11 -16.54
C VAL B 81 12.73 -27.40 -16.89
N GLY B 82 12.61 -28.33 -15.97
CA GLY B 82 13.27 -29.64 -16.09
C GLY B 82 14.78 -29.62 -16.00
N LYS B 83 15.36 -28.66 -15.26
CA LYS B 83 16.81 -28.59 -15.08
C LYS B 83 17.07 -28.49 -13.61
N ASP B 84 18.31 -28.66 -13.20
CA ASP B 84 18.71 -28.46 -11.80
C ASP B 84 19.49 -27.16 -11.66
N ILE B 85 19.34 -26.49 -10.51
CA ILE B 85 20.06 -25.25 -10.21
C ILE B 85 20.60 -25.22 -8.79
N THR B 86 21.81 -24.71 -8.54
CA THR B 86 22.33 -24.64 -7.18
C THR B 86 21.60 -23.68 -6.27
N LEU B 87 21.72 -23.75 -4.92
CA LEU B 87 21.07 -22.78 -4.06
C LEU B 87 21.68 -21.38 -4.21
N LYS B 88 22.98 -21.37 -4.48
CA LYS B 88 23.70 -20.15 -4.73
C LYS B 88 23.10 -19.34 -5.86
N ALA B 89 22.83 -19.97 -7.01
CA ALA B 89 22.28 -19.31 -8.18
C ALA B 89 20.82 -18.93 -8.04
N LEU B 90 20.11 -19.61 -7.10
CA LEU B 90 18.74 -19.26 -6.74
C LEU B 90 18.73 -17.96 -5.94
N ILE B 91 19.74 -17.75 -5.04
CA ILE B 91 19.84 -16.54 -4.21
C ILE B 91 20.35 -15.39 -5.09
N GLU B 92 21.24 -15.55 -6.09
CA GLU B 92 21.63 -14.48 -7.00
C GLU B 92 20.46 -14.10 -7.86
N ALA B 93 19.72 -15.06 -8.44
CA ALA B 93 18.54 -14.73 -9.25
C ALA B 93 17.47 -13.96 -8.48
N SER B 94 17.09 -14.37 -7.27
CA SER B 94 16.19 -13.63 -6.43
C SER B 94 16.81 -12.30 -5.96
N MET B 95 18.10 -12.15 -5.64
CA MET B 95 18.62 -10.86 -5.17
C MET B 95 18.99 -9.86 -6.27
N THR B 96 19.44 -10.26 -7.46
CA THR B 96 19.81 -9.37 -8.54
C THR B 96 18.56 -9.17 -9.41
N TYR B 97 17.71 -10.17 -9.63
CA TYR B 97 16.57 -9.99 -10.56
C TYR B 97 15.19 -10.00 -9.94
N SER B 98 15.13 -10.18 -8.63
CA SER B 98 13.89 -10.30 -7.89
C SER B 98 13.02 -11.43 -8.42
N ASP B 99 13.70 -12.51 -8.86
CA ASP B 99 13.03 -13.67 -9.41
C ASP B 99 12.05 -14.27 -8.40
N ASN B 100 10.81 -14.34 -8.88
CA ASN B 100 9.77 -14.97 -8.10
C ASN B 100 9.86 -16.47 -7.96
N THR B 101 10.37 -17.20 -9.00
CA THR B 101 10.44 -18.63 -8.79
C THR B 101 11.56 -18.91 -7.80
N ALA B 102 12.72 -18.25 -7.94
CA ALA B 102 13.84 -18.37 -7.06
C ALA B 102 13.45 -18.09 -5.63
N ASN B 103 12.64 -17.05 -5.34
CA ASN B 103 12.20 -16.80 -3.97
C ASN B 103 11.33 -17.88 -3.39
N ASN B 104 10.38 -18.42 -4.18
CA ASN B 104 9.51 -19.52 -3.76
C ASN B 104 10.29 -20.80 -3.42
N LYS B 105 11.30 -21.11 -4.23
CA LYS B 105 12.11 -22.27 -3.95
C LYS B 105 12.96 -21.96 -2.74
N ILE B 106 13.42 -20.72 -2.49
CA ILE B 106 14.27 -20.52 -1.32
C ILE B 106 13.38 -20.74 -0.08
N ILE B 107 12.10 -20.34 -0.07
CA ILE B 107 11.22 -20.47 1.10
C ILE B 107 10.82 -21.93 1.33
N LYS B 108 10.71 -22.68 0.23
CA LYS B 108 10.39 -24.10 0.26
C LYS B 108 11.48 -24.78 1.05
N GLU B 109 12.70 -24.38 0.65
CA GLU B 109 13.93 -24.86 1.23
C GLU B 109 14.10 -24.47 2.70
N ILE B 110 13.55 -23.36 3.24
CA ILE B 110 13.58 -22.95 4.67
C ILE B 110 12.60 -23.79 5.49
N GLY B 111 11.55 -24.32 4.87
CA GLY B 111 10.56 -25.09 5.60
C GLY B 111 9.17 -24.51 5.47
N GLY B 112 8.97 -23.66 4.45
CA GLY B 112 7.67 -23.05 4.15
C GLY B 112 7.55 -21.69 4.78
N ILE B 113 6.57 -20.86 4.44
CA ILE B 113 6.48 -19.54 5.06
C ILE B 113 6.25 -19.49 6.58
N LYS B 114 5.80 -20.59 7.21
CA LYS B 114 5.53 -20.66 8.67
C LYS B 114 6.83 -20.66 9.46
N LYS B 115 7.83 -21.30 8.86
CA LYS B 115 9.17 -21.28 9.41
C LYS B 115 9.82 -19.90 9.25
N VAL B 116 9.48 -19.10 8.22
CA VAL B 116 9.97 -17.74 8.04
C VAL B 116 9.26 -16.89 9.11
N LYS B 117 7.92 -16.94 9.22
CA LYS B 117 7.12 -16.26 10.26
C LYS B 117 7.65 -16.52 11.66
N GLN B 118 8.01 -17.76 11.92
CA GLN B 118 8.49 -18.17 13.21
C GLN B 118 9.87 -17.67 13.46
N ARG B 119 10.74 -17.61 12.48
CA ARG B 119 12.07 -17.07 12.69
C ARG B 119 12.00 -15.61 13.09
N LEU B 120 11.04 -14.86 12.54
CA LEU B 120 10.82 -13.46 12.82
C LEU B 120 10.28 -13.25 14.21
N LYS B 121 9.40 -14.15 14.72
CA LYS B 121 8.90 -14.07 16.08
C LYS B 121 10.07 -14.24 17.00
N GLU B 122 10.99 -15.19 16.73
CA GLU B 122 12.23 -15.38 17.49
C GLU B 122 13.20 -14.18 17.51
N LEU B 123 13.18 -13.44 16.38
CA LEU B 123 13.97 -12.24 16.21
C LEU B 123 13.33 -11.09 16.93
N GLY B 124 12.03 -11.21 17.22
CA GLY B 124 11.31 -10.21 17.99
C GLY B 124 10.55 -9.30 17.07
N ASP B 125 9.97 -9.81 15.98
CA ASP B 125 9.25 -8.96 15.05
C ASP B 125 7.88 -9.56 14.94
N LYS B 126 6.96 -8.86 15.56
CA LYS B 126 5.61 -9.32 15.52
C LYS B 126 4.80 -8.49 14.55
N VAL B 127 5.48 -7.77 13.62
CA VAL B 127 4.84 -6.80 12.73
C VAL B 127 4.91 -7.24 11.29
N THR B 128 6.09 -7.74 10.93
CA THR B 128 6.28 -8.17 9.56
C THR B 128 5.56 -9.49 9.33
N ASN B 129 4.92 -9.35 8.18
CA ASN B 129 4.13 -10.40 7.58
C ASN B 129 4.51 -10.34 6.11
N PRO B 130 4.15 -11.24 5.20
CA PRO B 130 4.69 -11.27 3.84
C PRO B 130 4.25 -10.08 3.02
N ASP B 147 3.15 -9.43 3.37
CA ASP B 147 2.69 -8.28 2.62
C ASP B 147 3.23 -6.93 3.05
N THR B 148 2.97 -6.59 4.33
CA THR B 148 3.36 -5.28 4.85
C THR B 148 4.19 -5.32 6.11
N SER B 149 4.98 -4.29 6.35
CA SER B 149 5.66 -4.18 7.64
C SER B 149 5.75 -2.68 7.90
N THR B 150 6.32 -2.27 9.03
CA THR B 150 6.57 -0.85 9.37
C THR B 150 8.06 -0.54 9.14
N PRO B 151 8.54 0.68 8.83
CA PRO B 151 9.98 1.04 8.77
C PRO B 151 10.87 0.58 9.93
N ALA B 152 10.27 0.56 11.10
CA ALA B 152 10.89 0.24 12.36
C ALA B 152 11.06 -1.23 12.58
N ALA B 153 9.99 -2.01 12.37
CA ALA B 153 10.05 -3.44 12.44
C ALA B 153 11.07 -3.98 11.47
N PHE B 154 10.94 -3.57 10.21
CA PHE B 154 11.84 -4.04 9.18
C PHE B 154 13.32 -3.73 9.39
N GLY B 155 13.67 -2.53 9.85
CA GLY B 155 15.05 -2.15 10.08
C GLY B 155 15.70 -2.93 11.19
N LYS B 156 14.96 -3.14 12.28
CA LYS B 156 15.41 -3.95 13.38
C LYS B 156 15.61 -5.40 12.94
N THR B 157 14.69 -6.01 12.15
CA THR B 157 14.80 -7.38 11.67
C THR B 157 16.05 -7.43 10.83
N LEU B 158 16.26 -6.46 9.92
CA LEU B 158 17.43 -6.46 9.06
C LEU B 158 18.76 -6.37 9.77
N ASN B 159 18.73 -5.68 10.93
CA ASN B 159 19.94 -5.59 11.70
C ASN B 159 20.21 -6.91 12.41
N LYS B 160 19.23 -7.39 13.15
CA LYS B 160 19.36 -8.64 13.85
C LYS B 160 19.68 -9.88 13.01
N LEU B 161 19.28 -9.92 11.76
CA LEU B 161 19.42 -11.07 10.87
C LEU B 161 20.62 -11.04 9.93
N ILE B 162 20.94 -9.84 9.41
CA ILE B 162 22.08 -9.66 8.51
C ILE B 162 23.23 -8.87 9.14
N ALA B 163 22.99 -7.66 9.72
CA ALA B 163 24.08 -6.78 10.17
C ALA B 163 24.75 -7.17 11.47
N ASN B 164 23.97 -7.79 12.37
CA ASN B 164 24.38 -8.20 13.69
C ASN B 164 23.83 -9.55 14.05
N GLY B 165 23.79 -10.40 13.02
CA GLY B 165 23.24 -11.71 13.15
C GLY B 165 24.35 -12.74 13.36
N LYS B 166 23.97 -13.93 12.87
CA LYS B 166 24.66 -15.20 13.05
C LYS B 166 25.21 -15.84 11.80
N LEU B 167 25.23 -15.08 10.70
CA LEU B 167 25.76 -15.56 9.43
C LEU B 167 27.28 -15.68 9.50
N SER B 168 27.85 -16.72 8.89
CA SER B 168 29.29 -16.85 8.78
C SER B 168 29.96 -15.66 8.13
N LYS B 169 31.25 -15.44 8.28
CA LYS B 169 31.95 -14.38 7.57
C LYS B 169 31.64 -14.51 6.10
N GLU B 170 31.60 -15.71 5.55
CA GLU B 170 31.47 -15.92 4.11
C GLU B 170 30.08 -15.85 3.49
N ASN B 171 29.06 -16.15 4.28
CA ASN B 171 27.68 -16.08 3.84
C ASN B 171 27.13 -14.66 3.89
N LYS B 172 27.64 -13.88 4.83
CA LYS B 172 27.38 -12.47 4.95
C LYS B 172 28.22 -11.68 3.95
N LYS B 173 29.48 -11.93 3.58
CA LYS B 173 30.12 -11.23 2.47
C LYS B 173 29.35 -11.60 1.21
N PHE B 174 28.99 -12.87 0.93
CA PHE B 174 28.28 -13.25 -0.29
C PHE B 174 27.01 -12.40 -0.55
N LEU B 175 26.20 -12.28 0.49
CA LEU B 175 24.94 -11.58 0.46
C LEU B 175 25.11 -10.06 0.32
N LEU B 176 26.08 -9.44 1.03
CA LEU B 176 26.35 -8.03 0.94
C LEU B 176 26.98 -7.69 -0.38
N ASP B 177 27.72 -8.61 -1.03
CA ASP B 177 28.32 -8.21 -2.27
C ASP B 177 27.27 -8.22 -3.33
N LEU B 178 26.28 -9.12 -3.31
CA LEU B 178 25.13 -9.07 -4.18
C LEU B 178 24.38 -7.74 -4.03
N MET B 179 24.43 -7.10 -2.86
CA MET B 179 23.72 -5.86 -2.56
C MET B 179 24.52 -4.59 -2.94
N LEU B 180 25.85 -4.77 -2.74
CA LEU B 180 26.87 -3.79 -3.02
C LEU B 180 26.97 -3.66 -4.53
N ASN B 181 26.94 -4.77 -5.26
CA ASN B 181 27.03 -4.70 -6.69
C ASN B 181 25.67 -4.77 -7.39
N ASN B 182 24.60 -4.14 -6.84
CA ASN B 182 23.27 -4.10 -7.44
C ASN B 182 22.89 -2.69 -7.90
N LYS B 183 22.51 -2.69 -9.17
CA LYS B 183 22.22 -1.50 -9.97
C LYS B 183 20.83 -0.87 -9.88
N SER B 184 19.91 -1.64 -9.30
CA SER B 184 18.50 -1.30 -9.21
C SER B 184 18.08 -0.02 -8.51
N GLY B 185 18.96 0.39 -7.58
CA GLY B 185 18.61 1.51 -6.74
C GLY B 185 19.77 2.40 -6.44
N ASP B 186 20.45 2.68 -7.55
CA ASP B 186 21.52 3.68 -7.61
C ASP B 186 20.99 5.10 -7.69
N THR B 187 19.69 5.18 -8.00
CA THR B 187 18.95 6.42 -8.11
C THR B 187 18.13 6.60 -6.87
N LEU B 188 18.29 5.72 -5.89
CA LEU B 188 17.48 5.84 -4.68
C LEU B 188 18.47 6.14 -3.57
N ILE B 189 18.52 5.46 -2.40
CA ILE B 189 19.50 5.75 -1.35
C ILE B 189 20.94 6.03 -1.81
N LYS B 190 21.42 5.29 -2.83
CA LYS B 190 22.78 5.47 -3.40
C LYS B 190 23.11 6.88 -3.91
N ASP B 191 22.20 7.49 -4.71
CA ASP B 191 22.37 8.88 -5.16
C ASP B 191 22.30 9.86 -4.04
N GLY B 192 21.44 9.53 -3.04
CA GLY B 192 21.22 10.36 -1.86
C GLY B 192 22.37 10.52 -0.86
N VAL B 193 23.29 9.53 -0.68
CA VAL B 193 24.35 9.64 0.32
C VAL B 193 25.55 10.30 -0.34
N PRO B 194 26.57 10.79 0.40
CA PRO B 194 27.82 11.30 -0.16
C PRO B 194 28.74 10.27 -0.79
N LYS B 195 29.43 10.73 -1.84
CA LYS B 195 30.39 9.97 -2.63
C LYS B 195 31.07 8.75 -2.03
N ASP B 196 31.62 9.07 -0.87
CA ASP B 196 32.46 8.23 -0.03
C ASP B 196 31.75 7.26 0.94
N TYR B 197 30.43 7.35 1.03
CA TYR B 197 29.65 6.34 1.71
C TYR B 197 29.45 5.23 0.67
N LYS B 198 29.39 4.01 1.19
CA LYS B 198 29.23 2.78 0.41
C LYS B 198 27.84 2.28 0.74
N VAL B 199 27.06 1.84 -0.24
CA VAL B 199 25.70 1.45 0.06
C VAL B 199 25.51 0.05 -0.51
N ALA B 200 24.80 -0.77 0.26
CA ALA B 200 24.47 -2.14 -0.07
C ALA B 200 22.97 -2.16 0.06
N ASP B 201 22.19 -2.09 -1.00
CA ASP B 201 20.75 -1.93 -0.86
C ASP B 201 19.88 -3.01 -1.46
N LYS B 202 18.71 -3.26 -0.88
CA LYS B 202 17.74 -4.12 -1.56
C LYS B 202 16.57 -3.20 -1.97
N SER B 203 16.55 -2.86 -3.27
CA SER B 203 15.47 -2.10 -3.87
C SER B 203 14.16 -2.87 -3.90
N GLY B 204 13.04 -2.12 -3.99
CA GLY B 204 11.71 -2.71 -3.94
C GLY B 204 11.36 -3.47 -5.22
N GLN B 205 11.92 -3.01 -6.36
CA GLN B 205 11.65 -3.48 -7.72
C GLN B 205 10.26 -4.11 -7.90
N ALA B 206 9.18 -3.37 -7.55
CA ALA B 206 7.80 -3.82 -7.63
C ALA B 206 7.20 -4.00 -9.02
N ILE B 207 6.41 -5.05 -9.16
CA ILE B 207 5.91 -5.44 -10.45
C ILE B 207 4.97 -4.50 -11.16
N THR B 208 4.02 -3.94 -10.42
CA THR B 208 2.87 -3.29 -11.05
C THR B 208 2.77 -1.76 -10.90
N TYR B 209 3.81 -1.19 -10.30
CA TYR B 209 3.84 0.23 -10.03
C TYR B 209 5.26 0.63 -9.82
N ALA B 210 5.53 1.92 -10.02
CA ALA B 210 6.91 2.38 -10.04
C ALA B 210 7.53 2.54 -8.69
N SER B 211 8.86 2.67 -8.71
CA SER B 211 9.70 2.80 -7.51
C SER B 211 9.05 3.49 -6.31
N ARG B 212 9.05 2.66 -5.28
CA ARG B 212 8.43 3.09 -4.06
C ARG B 212 9.21 2.76 -2.80
N ASN B 213 10.12 1.75 -2.79
CA ASN B 213 10.80 1.31 -1.55
C ASN B 213 12.25 0.96 -1.75
N ASP B 214 13.03 1.19 -0.70
CA ASP B 214 14.44 0.88 -0.76
C ASP B 214 15.04 0.74 0.62
N VAL B 215 15.89 -0.24 0.81
CA VAL B 215 16.49 -0.41 2.13
C VAL B 215 17.96 -0.63 1.89
N ALA B 216 18.84 -0.30 2.83
CA ALA B 216 20.27 -0.34 2.63
C ALA B 216 21.09 -0.42 3.93
N PHE B 217 22.33 -0.83 3.75
CA PHE B 217 23.32 -0.81 4.79
C PHE B 217 24.30 0.24 4.22
N VAL B 218 24.41 1.37 4.93
CA VAL B 218 25.21 2.52 4.55
C VAL B 218 26.43 2.49 5.45
N TYR B 219 27.58 2.46 4.78
CA TYR B 219 28.87 2.36 5.44
C TYR B 219 29.63 3.69 5.30
N PRO B 220 29.69 4.50 6.36
CA PRO B 220 30.61 5.61 6.51
C PRO B 220 32.02 5.25 6.19
N LYS B 221 32.64 6.21 5.53
CA LYS B 221 34.04 6.12 5.23
C LYS B 221 34.69 6.28 6.60
N GLY B 222 35.46 5.29 7.02
CA GLY B 222 36.05 5.34 8.35
C GLY B 222 35.10 4.89 9.45
N GLN B 223 34.34 3.81 9.16
CA GLN B 223 33.41 3.19 10.09
C GLN B 223 32.88 1.91 9.45
N SER B 224 33.23 0.77 10.09
CA SER B 224 32.85 -0.60 9.69
C SER B 224 31.42 -1.03 10.02
N GLU B 225 30.81 -0.24 10.88
CA GLU B 225 29.47 -0.54 11.31
C GLU B 225 28.53 0.26 10.41
N PRO B 226 27.42 -0.35 9.95
CA PRO B 226 26.41 0.33 9.19
C PRO B 226 25.36 1.20 9.87
N ILE B 227 24.94 2.20 9.11
CA ILE B 227 23.68 2.82 9.42
C ILE B 227 22.63 1.94 8.68
N VAL B 228 21.72 1.25 9.33
CA VAL B 228 20.67 0.54 8.63
C VAL B 228 19.63 1.59 8.10
N LEU B 229 19.23 1.71 6.82
CA LEU B 229 18.22 2.71 6.46
C LEU B 229 16.98 2.23 5.68
N VAL B 230 15.82 2.14 6.29
CA VAL B 230 14.57 1.76 5.63
C VAL B 230 13.75 2.99 5.13
N ILE B 231 13.33 3.04 3.87
CA ILE B 231 12.59 4.19 3.36
C ILE B 231 11.48 3.60 2.50
N PHE B 232 10.27 3.65 3.06
CA PHE B 232 9.06 3.20 2.39
C PHE B 232 8.23 4.43 2.11
N THR B 233 7.79 4.61 0.85
CA THR B 233 6.95 5.74 0.47
C THR B 233 5.61 5.35 -0.21
N ASN B 234 4.56 6.19 -0.17
CA ASN B 234 3.29 5.88 -0.82
C ASN B 234 2.65 7.12 -1.45
N LYS B 235 2.22 6.98 -2.71
CA LYS B 235 1.48 8.06 -3.38
C LYS B 235 -0.03 7.76 -3.41
N ASP B 236 -0.22 6.51 -3.89
CA ASP B 236 -1.47 5.83 -4.18
C ASP B 236 -1.90 6.20 -5.60
N ASN B 237 -2.20 5.07 -6.27
CA ASN B 237 -2.80 4.97 -7.60
C ASN B 237 -1.98 5.42 -8.84
N LYS B 238 -0.76 5.98 -8.73
CA LYS B 238 0.02 6.33 -9.93
C LYS B 238 1.21 5.38 -10.12
N SER B 239 0.84 4.29 -10.79
CA SER B 239 1.73 3.19 -11.17
C SER B 239 2.97 3.48 -12.08
N ASP B 240 3.03 4.56 -12.88
CA ASP B 240 4.19 4.75 -13.76
C ASP B 240 5.04 5.94 -13.37
N LYS B 241 4.68 6.69 -12.32
CA LYS B 241 5.55 7.73 -11.79
C LYS B 241 6.35 7.25 -10.56
N PRO B 242 7.66 7.06 -10.80
CA PRO B 242 8.64 6.77 -9.77
C PRO B 242 9.13 8.03 -9.10
N ASN B 243 9.27 7.90 -7.78
CA ASN B 243 10.00 8.95 -7.16
C ASN B 243 11.17 8.36 -6.42
N ASP B 244 12.13 8.36 -7.36
CA ASP B 244 13.52 8.00 -7.17
C ASP B 244 14.11 9.16 -6.36
N LYS B 245 13.71 10.41 -6.74
CA LYS B 245 14.14 11.64 -6.09
C LYS B 245 13.43 11.87 -4.77
N LEU B 246 12.19 11.43 -4.52
CA LEU B 246 11.66 11.50 -3.16
C LEU B 246 12.51 10.59 -2.27
N ILE B 247 12.94 9.41 -2.76
CA ILE B 247 13.78 8.52 -1.93
C ILE B 247 15.20 9.10 -1.81
N SER B 248 15.92 9.61 -2.83
CA SER B 248 17.24 10.19 -2.60
C SER B 248 17.28 11.51 -1.78
N GLU B 249 16.26 12.37 -1.88
CA GLU B 249 16.12 13.53 -1.00
C GLU B 249 15.90 13.08 0.43
N THR B 250 15.03 12.07 0.67
CA THR B 250 14.77 11.63 2.03
C THR B 250 16.03 11.05 2.67
N ALA B 251 16.93 10.51 1.84
CA ALA B 251 18.16 9.91 2.29
C ALA B 251 19.13 10.99 2.67
N LYS B 252 19.25 12.03 1.83
CA LYS B 252 20.15 13.14 2.10
C LYS B 252 19.93 13.79 3.47
N SER B 253 18.68 14.12 3.73
CA SER B 253 18.22 14.73 4.97
C SER B 253 18.42 13.90 6.25
N VAL B 254 18.37 12.58 6.05
CA VAL B 254 18.54 11.61 7.12
C VAL B 254 20.03 11.52 7.41
N MET B 255 20.86 11.43 6.37
CA MET B 255 22.29 11.34 6.55
C MET B 255 23.04 12.45 7.34
N LYS B 256 22.34 13.59 7.55
CA LYS B 256 22.83 14.75 8.28
C LYS B 256 22.98 14.41 9.75
N GLU B 257 22.00 13.62 10.21
CA GLU B 257 21.92 13.25 11.60
C GLU B 257 23.06 12.38 12.12
N PHE B 258 23.86 11.89 11.18
CA PHE B 258 24.99 11.05 11.54
C PHE B 258 26.23 11.68 10.93
CL CL C . 8.92 -0.77 -4.92
#